data_7GSW
#
_entry.id   7GSW
#
_cell.length_a   89.699
_cell.length_b   89.699
_cell.length_c   106.354
_cell.angle_alpha   90.000
_cell.angle_beta   90.000
_cell.angle_gamma   120.000
#
_symmetry.space_group_name_H-M   'P 31 2 1'
#
loop_
_entity.id
_entity.type
_entity.pdbx_description
1 polymer 'Tyrosine-protein phosphatase non-receptor type 1'
2 non-polymer 2-AMINO-2-HYDROXYMETHYL-PROPANE-1,3-DIOL
3 non-polymer '(3M)-3-(furan-2-yl)benzoic acid'
4 water water
#
_entity_poly.entity_id   1
_entity_poly.type   'polypeptide(L)'
_entity_poly.pdbx_seq_one_letter_code
;MEMEKEFEQIDKSGSWAAIYQDIRHEASDFPSRVAKLPKNKNRNRYRDVSPFDHSRIKLHQEDNDYINASLIKMEEAQRS
YILTQGPLPNTVGHFWEMVWEQKSRGVVMLNRVMEKGSLKCAQYWPQKEEKEMIFEDTNLKLTLISEDIKSYYTVRQLEL
ENLTTQETREILHFHYTTWPDFGVPESPASFLNFLFKVRESGSLSPEHGPVVVHCSAGIGRSGTFCLADTCLLLMDKRKD
PSSVDIKKVLLEMRKFRMGLIQTADQLRFSYLAVIEGAKFIMGDSSVQDQWKELSHEDLEPPPEHIPPPPRPPKRILEPH
N
;
_entity_poly.pdbx_strand_id   A
#
loop_
_chem_comp.id
_chem_comp.type
_chem_comp.name
_chem_comp.formula
A1ABE non-polymer '(3M)-3-(furan-2-yl)benzoic acid' 'C11 H8 O3'
TRS non-polymer 2-AMINO-2-HYDROXYMETHYL-PROPANE-1,3-DIOL 'C4 H12 N O3 1'
#
# COMPACT_ATOMS: atom_id res chain seq x y z
N MET A 1 -12.18 -23.82 -6.55
CA MET A 1 -12.54 -23.55 -7.98
C MET A 1 -11.45 -22.67 -8.61
N GLU A 2 -10.75 -23.17 -9.64
CA GLU A 2 -9.80 -22.38 -10.47
C GLU A 2 -10.41 -20.98 -10.69
N MET A 3 -9.72 -19.96 -10.18
CA MET A 3 -10.22 -18.55 -10.17
C MET A 3 -10.49 -18.07 -11.61
N GLU A 4 -9.75 -18.58 -12.60
CA GLU A 4 -9.90 -18.24 -14.05
C GLU A 4 -11.28 -18.66 -14.57
N LYS A 5 -11.88 -19.69 -13.99
CA LYS A 5 -13.22 -20.19 -14.37
C LYS A 5 -14.26 -19.41 -13.57
N GLU A 6 -14.01 -19.24 -12.28
CA GLU A 6 -14.81 -18.32 -11.41
C GLU A 6 -14.91 -16.96 -12.11
N PHE A 7 -13.81 -16.49 -12.71
CA PHE A 7 -13.71 -15.17 -13.37
C PHE A 7 -14.70 -15.10 -14.55
N GLU A 8 -14.61 -16.07 -15.46
CA GLU A 8 -15.44 -16.12 -16.69
C GLU A 8 -16.91 -16.26 -16.30
N GLN A 9 -17.22 -17.07 -15.29
CA GLN A 9 -18.59 -17.25 -14.72
C GLN A 9 -19.16 -15.91 -14.22
N ILE A 10 -18.37 -15.11 -13.48
CA ILE A 10 -18.85 -13.80 -12.93
C ILE A 10 -19.01 -12.82 -14.10
N ASP A 11 -18.06 -12.81 -15.04
CA ASP A 11 -18.05 -11.91 -16.22
C ASP A 11 -19.27 -12.21 -17.11
N LYS A 12 -19.49 -13.47 -17.45
CA LYS A 12 -20.60 -13.83 -18.35
C LYS A 12 -21.92 -13.51 -17.65
N SER A 13 -21.99 -13.66 -16.33
CA SER A 13 -23.22 -13.37 -15.54
C SER A 13 -23.31 -11.91 -15.13
N GLY A 14 -22.28 -11.09 -15.39
CA GLY A 14 -22.18 -9.69 -14.94
C GLY A 14 -22.56 -9.52 -13.48
N SER A 15 -21.97 -10.30 -12.56
CA SER A 15 -22.32 -10.25 -11.11
C SER A 15 -21.20 -9.63 -10.24
N TRP A 16 -20.30 -8.82 -10.80
CA TRP A 16 -19.16 -8.24 -10.03
C TRP A 16 -19.72 -7.42 -8.86
N ALA A 17 -20.78 -6.65 -9.09
CA ALA A 17 -21.34 -5.76 -8.05
C ALA A 17 -21.90 -6.62 -6.91
N ALA A 18 -22.45 -7.80 -7.24
CA ALA A 18 -23.04 -8.70 -6.24
C ALA A 18 -21.95 -9.36 -5.40
N ILE A 19 -20.89 -9.91 -6.01
CA ILE A 19 -19.73 -10.52 -5.31
C ILE A 19 -19.15 -9.46 -4.34
N TYR A 20 -18.97 -8.23 -4.83
CA TYR A 20 -18.30 -7.14 -4.06
C TYR A 20 -19.12 -6.82 -2.80
N GLN A 21 -20.44 -6.65 -2.95
CA GLN A 21 -21.34 -6.32 -1.80
C GLN A 21 -21.29 -7.47 -0.78
N ASP A 22 -21.18 -8.71 -1.23
CA ASP A 22 -21.04 -9.90 -0.32
C ASP A 22 -19.78 -9.77 0.56
N ILE A 23 -18.67 -9.36 -0.05
CA ILE A 23 -17.41 -9.08 0.72
C ILE A 23 -17.68 -7.95 1.73
N ARG A 24 -18.30 -6.85 1.28
CA ARG A 24 -18.54 -5.69 2.17
C ARG A 24 -19.36 -6.15 3.38
N HIS A 25 -20.32 -7.04 3.16
CA HIS A 25 -21.24 -7.54 4.21
C HIS A 25 -20.50 -8.41 5.24
N GLU A 26 -19.58 -9.27 4.81
CA GLU A 26 -18.86 -10.25 5.68
C GLU A 26 -17.61 -9.63 6.33
N ALA A 27 -17.23 -8.41 5.97
CA ALA A 27 -15.93 -7.83 6.38
C ALA A 27 -15.98 -7.56 7.86
N SER A 28 -14.83 -7.66 8.53
CA SER A 28 -14.66 -7.39 9.97
C SER A 28 -15.03 -5.95 10.31
N ASP A 29 -15.49 -5.75 11.55
CA ASP A 29 -15.70 -4.40 12.14
C ASP A 29 -15.09 -4.41 13.52
N PHE A 30 -14.04 -3.61 13.72
CA PHE A 30 -13.29 -3.51 14.98
C PHE A 30 -13.31 -2.05 15.38
N PRO A 31 -13.13 -1.70 16.66
CA PRO A 31 -13.06 -0.31 17.07
C PRO A 31 -11.84 0.46 16.50
N SER A 32 -12.08 1.74 16.22
CA SER A 32 -11.06 2.77 15.82
C SER A 32 -11.16 3.98 16.76
N ARG A 33 -11.07 3.79 18.06
CA ARG A 33 -11.36 4.86 19.07
C ARG A 33 -10.23 5.90 19.05
N VAL A 34 -8.97 5.49 18.96
CA VAL A 34 -7.85 6.48 18.92
C VAL A 34 -8.01 7.42 17.70
N ALA A 35 -8.30 6.88 16.51
CA ALA A 35 -8.47 7.67 15.26
C ALA A 35 -9.51 8.79 15.47
N LYS A 36 -10.49 8.56 16.34
CA LYS A 36 -11.68 9.47 16.41
C LYS A 36 -11.51 10.48 17.56
N LEU A 37 -10.44 10.43 18.35
CA LEU A 37 -10.22 11.45 19.42
C LEU A 37 -10.10 12.83 18.78
N PRO A 38 -10.70 13.88 19.42
CA PRO A 38 -10.63 15.23 18.88
C PRO A 38 -9.20 15.74 18.59
N LYS A 39 -8.21 15.40 19.41
CA LYS A 39 -6.80 15.81 19.19
C LYS A 39 -6.30 15.27 17.82
N ASN A 40 -6.97 14.32 17.16
CA ASN A 40 -6.38 13.63 15.98
C ASN A 40 -7.13 14.04 14.71
N LYS A 41 -8.06 14.99 14.82
CA LYS A 41 -8.89 15.33 13.65
C LYS A 41 -8.01 15.78 12.47
N ASN A 42 -7.00 16.60 12.69
CA ASN A 42 -6.19 17.08 11.54
C ASN A 42 -5.14 16.04 11.13
N ARG A 43 -5.15 14.81 11.68
CA ARG A 43 -4.20 13.72 11.28
C ARG A 43 -4.89 12.75 10.32
N ASN A 44 -6.17 12.97 10.01
CA ASN A 44 -6.99 12.07 9.16
C ASN A 44 -7.38 12.82 7.89
N ARG A 45 -7.09 12.23 6.74
CA ARG A 45 -7.47 12.84 5.45
C ARG A 45 -8.97 12.70 5.23
N TYR A 46 -9.57 11.56 5.57
CA TYR A 46 -10.97 11.20 5.28
C TYR A 46 -11.64 10.73 6.59
N ARG A 47 -12.79 11.33 6.89
CA ARG A 47 -13.55 11.06 8.14
C ARG A 47 -13.96 9.58 8.22
N ASP A 48 -14.21 8.92 7.09
CA ASP A 48 -14.74 7.53 7.02
C ASP A 48 -13.60 6.48 6.80
N VAL A 49 -12.32 6.85 6.89
CA VAL A 49 -11.20 5.87 6.71
C VAL A 49 -10.26 6.01 7.90
N SER A 50 -10.26 5.02 8.78
CA SER A 50 -9.51 5.03 10.04
C SER A 50 -8.86 3.67 10.25
N PRO A 51 -7.68 3.65 10.88
CA PRO A 51 -7.06 2.40 11.31
C PRO A 51 -7.80 1.79 12.53
N PHE A 52 -7.95 0.47 12.56
CA PHE A 52 -8.43 -0.24 13.79
C PHE A 52 -7.40 -0.02 14.88
N ASP A 53 -7.88 0.05 16.15
CA ASP A 53 -6.98 0.16 17.31
C ASP A 53 -6.02 -1.04 17.39
N HIS A 54 -6.45 -2.26 17.10
CA HIS A 54 -5.64 -3.46 17.42
C HIS A 54 -4.42 -3.52 16.47
N SER A 55 -4.52 -2.96 15.26
CA SER A 55 -3.48 -3.10 14.19
C SER A 55 -2.84 -1.74 13.83
N ARG A 56 -3.13 -0.66 14.57
CA ARG A 56 -2.59 0.68 14.15
C ARG A 56 -1.09 0.74 14.44
N ILE A 57 -0.32 1.43 13.58
CA ILE A 57 1.09 1.74 13.89
C ILE A 57 1.16 2.87 14.91
N LYS A 58 1.89 2.63 15.98
CA LYS A 58 2.22 3.65 16.99
C LYS A 58 3.56 4.38 16.72
N LEU A 59 3.51 5.71 16.71
CA LEU A 59 4.74 6.54 16.71
C LEU A 59 5.42 6.40 18.08
N HIS A 60 6.76 6.39 18.13
CA HIS A 60 7.56 6.26 19.39
C HIS A 60 7.72 7.67 19.97
N GLN A 61 6.63 8.23 20.51
CA GLN A 61 6.72 9.51 21.25
C GLN A 61 5.56 9.61 22.23
N GLU A 62 5.85 10.22 23.38
CA GLU A 62 4.93 10.25 24.55
C GLU A 62 3.81 11.27 24.28
N ASP A 63 4.12 12.32 23.52
CA ASP A 63 3.19 13.43 23.19
C ASP A 63 1.90 12.85 22.57
N ASN A 64 1.98 12.37 21.33
CA ASN A 64 0.82 11.82 20.59
C ASN A 64 1.37 10.76 19.65
N ASP A 65 1.02 9.51 19.88
CA ASP A 65 1.57 8.35 19.11
C ASP A 65 0.74 8.06 17.85
N TYR A 66 -0.20 8.92 17.46
CA TYR A 66 -1.18 8.54 16.41
C TYR A 66 -0.70 8.89 14.98
N ILE A 67 -0.84 7.91 14.07
CA ILE A 67 -0.79 8.09 12.57
C ILE A 67 -1.85 7.23 11.94
N ASN A 68 -2.44 7.69 10.86
CA ASN A 68 -3.41 6.89 10.08
C ASN A 68 -2.65 5.84 9.23
N ALA A 69 -2.34 4.69 9.83
CA ALA A 69 -1.54 3.60 9.24
C ALA A 69 -1.82 2.28 9.98
N SER A 70 -1.81 1.20 9.24
CA SER A 70 -2.16 -0.15 9.77
C SER A 70 -1.09 -1.17 9.39
N LEU A 71 -0.82 -2.14 10.29
CA LEU A 71 0.06 -3.30 9.98
C LEU A 71 -0.76 -4.47 9.48
N ILE A 72 -0.60 -4.88 8.21
CA ILE A 72 -1.30 -6.05 7.61
C ILE A 72 -0.30 -7.22 7.73
N LYS A 73 -0.54 -8.20 8.64
CA LYS A 73 0.43 -9.32 8.85
C LYS A 73 -0.13 -10.61 8.26
N MET A 74 0.43 -11.13 7.15
CA MET A 74 -0.14 -12.30 6.41
C MET A 74 0.65 -13.53 6.86
N GLU A 75 0.08 -14.31 7.76
CA GLU A 75 0.83 -15.35 8.54
C GLU A 75 1.29 -16.47 7.60
N GLU A 76 0.41 -17.04 6.80
CA GLU A 76 0.79 -18.16 5.90
C GLU A 76 1.75 -17.71 4.80
N ALA A 77 1.52 -16.52 4.21
CA ALA A 77 2.41 -16.01 3.13
C ALA A 77 3.74 -15.55 3.70
N GLN A 78 3.87 -15.26 5.02
CA GLN A 78 5.09 -14.72 5.64
C GLN A 78 5.44 -13.36 4.99
N ARG A 79 4.46 -12.50 4.79
CA ARG A 79 4.67 -11.09 4.33
C ARG A 79 3.93 -10.14 5.26
N SER A 80 4.50 -8.97 5.50
CA SER A 80 3.85 -7.88 6.27
C SER A 80 3.87 -6.62 5.39
N TYR A 81 2.85 -5.79 5.52
CA TYR A 81 2.76 -4.48 4.81
C TYR A 81 2.25 -3.44 5.79
N ILE A 82 2.74 -2.20 5.69
CA ILE A 82 2.07 -1.06 6.36
C ILE A 82 1.29 -0.31 5.28
N LEU A 83 -0.04 -0.24 5.41
CA LEU A 83 -0.89 0.58 4.52
C LEU A 83 -1.25 1.89 5.22
N THR A 84 -1.08 3.02 4.52
CA THR A 84 -1.29 4.36 5.12
C THR A 84 -1.91 5.31 4.08
N GLN A 85 -2.51 6.38 4.57
CA GLN A 85 -3.05 7.46 3.73
C GLN A 85 -1.85 8.22 3.08
N GLY A 86 -2.13 8.95 2.00
CA GLY A 86 -1.19 9.98 1.51
C GLY A 86 -0.96 11.02 2.61
N PRO A 87 0.30 11.33 2.93
CA PRO A 87 0.61 12.29 3.98
C PRO A 87 -0.06 13.66 3.75
N LEU A 88 -0.46 14.29 4.87
CA LEU A 88 -1.05 15.64 4.90
C LEU A 88 0.07 16.63 5.24
N PRO A 89 -0.17 17.94 4.97
CA PRO A 89 0.82 18.95 5.26
C PRO A 89 1.31 18.87 6.70
N ASN A 90 0.42 18.57 7.66
CA ASN A 90 0.91 18.50 9.06
C ASN A 90 1.32 17.07 9.48
N THR A 91 1.28 16.06 8.61
CA THR A 91 1.78 14.69 8.99
C THR A 91 2.97 14.22 8.15
N VAL A 92 3.67 15.08 7.39
CA VAL A 92 4.83 14.58 6.59
C VAL A 92 5.95 14.17 7.53
N GLY A 93 6.15 14.90 8.63
CA GLY A 93 7.16 14.52 9.62
C GLY A 93 6.84 13.21 10.33
N HIS A 94 5.57 12.98 10.71
CA HIS A 94 5.10 11.69 11.30
C HIS A 94 5.38 10.55 10.31
N PHE A 95 5.07 10.77 9.02
CA PHE A 95 5.24 9.75 7.97
C PHE A 95 6.69 9.23 8.00
N TRP A 96 7.68 10.15 7.96
CA TRP A 96 9.10 9.74 7.86
C TRP A 96 9.59 9.18 9.23
N GLU A 97 9.02 9.63 10.33
CA GLU A 97 9.27 9.04 11.67
C GLU A 97 8.89 7.55 11.66
N MET A 98 7.72 7.23 11.11
CA MET A 98 7.22 5.84 11.00
C MET A 98 8.19 5.02 10.14
N VAL A 99 8.55 5.50 8.95
CA VAL A 99 9.51 4.76 8.09
C VAL A 99 10.78 4.42 8.89
N TRP A 100 11.29 5.41 9.63
CA TRP A 100 12.54 5.28 10.42
C TRP A 100 12.34 4.22 11.54
N GLU A 101 11.27 4.39 12.32
CA GLU A 101 11.02 3.53 13.51
C GLU A 101 10.70 2.09 13.12
N GLN A 102 10.03 1.86 11.99
CA GLN A 102 9.61 0.50 11.55
C GLN A 102 10.70 -0.18 10.72
N LYS A 103 11.82 0.49 10.43
CA LYS A 103 12.99 -0.05 9.65
C LYS A 103 12.64 -0.45 8.23
N SER A 104 11.67 0.23 7.62
CA SER A 104 11.27 -0.01 6.24
C SER A 104 12.43 0.32 5.27
N ARG A 105 12.49 -0.41 4.17
CA ARG A 105 13.48 -0.18 3.06
C ARG A 105 12.80 0.54 1.90
N GLY A 106 11.49 0.32 1.69
CA GLY A 106 10.76 0.76 0.50
C GLY A 106 9.52 1.55 0.87
N VAL A 107 9.17 2.54 0.04
CA VAL A 107 7.84 3.27 0.06
C VAL A 107 7.27 3.06 -1.32
N VAL A 108 6.04 2.59 -1.41
CA VAL A 108 5.28 2.34 -2.66
C VAL A 108 4.14 3.39 -2.73
N MET A 109 4.17 4.25 -3.76
CA MET A 109 3.21 5.35 -3.96
C MET A 109 2.41 5.06 -5.23
N LEU A 110 1.07 4.94 -5.13
CA LEU A 110 0.24 4.51 -6.26
C LEU A 110 -0.63 5.67 -6.82
N ASN A 111 -0.41 6.89 -6.36
CA ASN A 111 -1.20 8.07 -6.81
C ASN A 111 -0.24 9.17 -7.30
N ARG A 112 -0.80 10.14 -8.04
CA ARG A 112 -0.11 11.42 -8.34
C ARG A 112 -0.48 12.41 -7.27
N VAL A 113 0.39 13.40 -7.03
CA VAL A 113 0.17 14.45 -6.02
C VAL A 113 -1.13 15.23 -6.37
N MET A 114 -1.37 15.47 -7.65
CA MET A 114 -2.65 16.08 -8.11
C MET A 114 -3.37 15.11 -9.05
N GLU A 115 -4.64 14.83 -8.78
CA GLU A 115 -5.51 14.02 -9.69
C GLU A 115 -6.90 14.69 -9.71
N LYS A 116 -7.56 14.62 -10.86
CA LYS A 116 -8.93 15.21 -11.00
C LYS A 116 -8.94 16.68 -10.52
N GLY A 117 -7.83 17.39 -10.70
CA GLY A 117 -7.67 18.83 -10.36
C GLY A 117 -7.61 19.15 -8.89
N SER A 118 -7.41 18.15 -8.00
CA SER A 118 -7.38 18.37 -6.52
C SER A 118 -6.11 17.72 -5.92
N LEU A 119 -5.67 18.20 -4.78
CA LEU A 119 -4.47 17.62 -4.15
C LEU A 119 -4.84 16.30 -3.44
N LYS A 120 -4.18 15.20 -3.80
CA LYS A 120 -4.43 13.88 -3.20
C LYS A 120 -3.40 13.52 -2.12
N CYS A 121 -2.26 14.22 -2.07
CA CYS A 121 -1.27 14.10 -0.97
C CYS A 121 -0.19 15.18 -1.07
N ALA A 122 0.46 15.43 0.03
CA ALA A 122 1.49 16.48 0.17
C ALA A 122 2.69 16.10 -0.71
N GLN A 123 3.48 17.09 -1.13
CA GLN A 123 4.77 16.84 -1.83
C GLN A 123 5.76 16.49 -0.73
N TYR A 124 5.93 15.21 -0.35
CA TYR A 124 6.55 14.79 0.92
C TYR A 124 8.02 14.35 0.72
N TRP A 125 8.54 14.44 -0.51
CA TRP A 125 9.95 14.06 -0.84
C TRP A 125 10.55 15.19 -1.70
N PRO A 126 11.90 15.36 -1.67
CA PRO A 126 12.57 16.45 -2.42
C PRO A 126 12.66 16.14 -3.91
N GLN A 127 12.49 17.19 -4.71
CA GLN A 127 12.44 17.05 -6.19
C GLN A 127 13.83 17.35 -6.79
N LYS A 128 14.71 17.97 -6.05
CA LYS A 128 16.09 18.28 -6.53
C LYS A 128 17.12 17.87 -5.51
N GLU A 129 18.22 17.31 -5.99
CA GLU A 129 19.35 16.82 -5.15
C GLU A 129 19.79 17.92 -4.19
N GLU A 130 20.00 19.15 -4.69
CA GLU A 130 20.61 20.22 -3.87
C GLU A 130 19.58 20.93 -2.97
N LYS A 131 18.32 20.49 -2.96
CA LYS A 131 17.29 21.10 -2.07
C LYS A 131 16.68 20.04 -1.13
N GLU A 132 17.41 19.69 -0.08
CA GLU A 132 16.98 18.63 0.86
C GLU A 132 15.80 19.16 1.71
N MET A 133 15.14 18.27 2.46
CA MET A 133 13.97 18.64 3.31
C MET A 133 14.35 18.31 4.74
N ILE A 134 14.05 19.22 5.65
CA ILE A 134 14.25 19.01 7.10
C ILE A 134 12.86 19.04 7.77
N PHE A 135 12.58 18.03 8.61
CA PHE A 135 11.28 17.86 9.31
C PHE A 135 11.58 18.19 10.77
N GLU A 136 11.30 19.43 11.21
CA GLU A 136 11.82 19.93 12.51
C GLU A 136 11.08 19.22 13.64
N ASP A 137 9.78 18.95 13.45
CA ASP A 137 8.95 18.30 14.49
C ASP A 137 9.51 16.90 14.84
N THR A 138 10.08 16.12 13.90
CA THR A 138 10.56 14.73 14.19
C THR A 138 12.10 14.62 14.10
N ASN A 139 12.80 15.70 13.77
CA ASN A 139 14.30 15.72 13.75
C ASN A 139 14.87 14.79 12.67
N LEU A 140 14.34 14.87 11.43
CA LEU A 140 14.81 14.06 10.29
C LEU A 140 15.23 14.94 9.10
N LYS A 141 16.20 14.48 8.33
CA LYS A 141 16.61 15.10 7.06
C LYS A 141 16.46 14.10 5.93
N LEU A 142 15.91 14.56 4.81
CA LEU A 142 15.64 13.68 3.66
C LEU A 142 16.28 14.33 2.42
N THR A 143 17.10 13.59 1.70
CA THR A 143 17.84 14.08 0.49
C THR A 143 17.55 13.19 -0.70
N LEU A 144 17.24 13.79 -1.85
CA LEU A 144 17.16 13.01 -3.11
C LEU A 144 18.57 12.64 -3.58
N ILE A 145 18.83 11.35 -3.82
CA ILE A 145 20.15 10.80 -4.24
C ILE A 145 20.15 10.59 -5.75
N SER A 146 19.11 10.02 -6.30
CA SER A 146 19.01 9.70 -7.75
C SER A 146 17.55 9.46 -8.09
N GLU A 147 17.21 9.58 -9.37
CA GLU A 147 15.83 9.45 -9.89
C GLU A 147 15.94 8.72 -11.22
N ASP A 148 15.16 7.66 -11.42
CA ASP A 148 15.05 6.90 -12.70
C ASP A 148 13.59 6.98 -13.18
N ILE A 149 13.35 7.76 -14.24
CA ILE A 149 11.98 7.97 -14.78
C ILE A 149 11.72 7.04 -15.97
N LYS A 150 10.74 6.14 -15.85
CA LYS A 150 10.32 5.21 -16.91
C LYS A 150 8.94 5.60 -17.36
N SER A 151 8.41 4.92 -18.37
CA SER A 151 7.10 5.25 -18.99
C SER A 151 5.97 5.06 -17.98
N TYR A 152 6.00 4.01 -17.14
CA TYR A 152 4.83 3.66 -16.29
C TYR A 152 5.09 3.95 -14.79
N TYR A 153 6.33 4.26 -14.44
CA TYR A 153 6.75 4.46 -13.03
C TYR A 153 8.11 5.15 -12.97
N THR A 154 8.42 5.66 -11.78
CA THR A 154 9.71 6.32 -11.44
C THR A 154 10.24 5.64 -10.17
N VAL A 155 11.54 5.33 -10.15
CA VAL A 155 12.21 4.87 -8.91
C VAL A 155 13.18 5.92 -8.45
N ARG A 156 13.14 6.24 -7.16
CA ARG A 156 14.03 7.21 -6.53
C ARG A 156 14.81 6.56 -5.39
N GLN A 157 16.09 6.95 -5.27
CA GLN A 157 16.95 6.63 -4.12
C GLN A 157 16.95 7.85 -3.20
N LEU A 158 16.58 7.66 -1.92
CA LEU A 158 16.50 8.75 -0.92
C LEU A 158 17.44 8.40 0.23
N GLU A 159 17.97 9.41 0.89
CA GLU A 159 18.78 9.23 2.12
C GLU A 159 18.02 9.85 3.28
N LEU A 160 17.72 9.05 4.29
CA LEU A 160 17.01 9.55 5.48
C LEU A 160 18.01 9.57 6.64
N GLU A 161 18.17 10.73 7.27
CA GLU A 161 19.11 10.91 8.39
C GLU A 161 18.32 11.22 9.65
N ASN A 162 18.58 10.44 10.69
CA ASN A 162 18.11 10.73 12.07
C ASN A 162 19.04 11.80 12.67
N LEU A 163 18.59 13.06 12.74
CA LEU A 163 19.49 14.20 13.08
C LEU A 163 19.93 14.06 14.56
N THR A 164 19.19 13.26 15.33
CA THR A 164 19.46 13.02 16.77
C THR A 164 20.74 12.19 16.93
N THR A 165 20.96 11.16 16.09
CA THR A 165 22.07 10.18 16.21
C THR A 165 23.03 10.25 15.03
N GLN A 166 22.67 10.95 13.96
CA GLN A 166 23.48 11.03 12.72
C GLN A 166 23.58 9.66 12.04
N GLU A 167 22.74 8.68 12.38
CA GLU A 167 22.61 7.48 11.52
C GLU A 167 21.87 7.88 10.22
N THR A 168 22.19 7.21 9.13
CA THR A 168 21.56 7.39 7.80
C THR A 168 21.15 6.02 7.28
N ARG A 169 20.12 6.00 6.42
CA ARG A 169 19.66 4.79 5.70
C ARG A 169 19.23 5.19 4.31
N GLU A 170 19.41 4.28 3.38
CA GLU A 170 18.91 4.39 2.02
C GLU A 170 17.44 3.90 2.00
N ILE A 171 16.51 4.74 1.56
CA ILE A 171 15.09 4.33 1.29
C ILE A 171 14.86 4.33 -0.23
N LEU A 172 14.21 3.32 -0.78
CA LEU A 172 13.82 3.31 -2.20
C LEU A 172 12.34 3.75 -2.31
N HIS A 173 12.06 4.69 -3.20
CA HIS A 173 10.69 5.22 -3.48
C HIS A 173 10.24 4.68 -4.82
N PHE A 174 9.20 3.83 -4.84
CA PHE A 174 8.61 3.25 -6.05
C PHE A 174 7.28 3.94 -6.35
N HIS A 175 7.25 4.74 -7.43
CA HIS A 175 6.11 5.64 -7.76
C HIS A 175 5.44 5.20 -9.03
N TYR A 176 4.30 4.52 -8.92
CA TYR A 176 3.46 4.14 -10.08
C TYR A 176 2.69 5.39 -10.50
N THR A 177 2.96 5.90 -11.71
CA THR A 177 2.56 7.28 -12.12
C THR A 177 1.42 7.26 -13.16
N THR A 178 0.92 6.10 -13.60
CA THR A 178 0.00 5.98 -14.75
C THR A 178 -1.35 5.35 -14.37
N TRP A 179 -1.69 5.21 -13.09
CA TRP A 179 -3.06 4.73 -12.74
C TRP A 179 -4.02 5.82 -13.24
N PRO A 180 -5.06 5.48 -14.03
CA PRO A 180 -5.97 6.52 -14.55
C PRO A 180 -6.82 7.24 -13.49
N ASP A 181 -7.13 8.53 -13.75
CA ASP A 181 -7.97 9.35 -12.82
C ASP A 181 -9.28 8.64 -12.51
N PHE A 182 -9.93 8.02 -13.51
CA PHE A 182 -11.18 7.21 -13.32
C PHE A 182 -10.98 5.74 -13.71
N GLY A 183 -11.66 4.84 -13.00
CA GLY A 183 -11.56 3.40 -13.26
C GLY A 183 -10.20 2.76 -12.95
N VAL A 184 -9.85 1.71 -13.71
CA VAL A 184 -8.67 0.83 -13.42
C VAL A 184 -7.97 0.65 -14.76
N PRO A 185 -6.67 0.25 -14.78
CA PRO A 185 -5.96 0.01 -16.05
C PRO A 185 -6.64 -1.09 -16.90
N GLU A 186 -6.63 -0.92 -18.22
CA GLU A 186 -7.24 -1.90 -19.15
C GLU A 186 -6.51 -3.24 -19.09
N SER A 187 -5.18 -3.21 -19.02
CA SER A 187 -4.30 -4.41 -18.88
C SER A 187 -3.53 -4.31 -17.57
N PRO A 188 -3.31 -5.45 -16.89
CA PRO A 188 -2.52 -5.46 -15.66
C PRO A 188 -1.02 -5.63 -15.91
N ALA A 189 -0.60 -5.68 -17.17
CA ALA A 189 0.81 -5.93 -17.52
C ALA A 189 1.70 -4.87 -16.86
N SER A 190 1.38 -3.57 -16.94
CA SER A 190 2.30 -2.57 -16.36
C SER A 190 2.29 -2.60 -14.83
N PHE A 191 1.15 -2.88 -14.20
CA PHE A 191 1.06 -3.01 -12.72
C PHE A 191 1.89 -4.22 -12.21
N LEU A 192 1.82 -5.36 -12.88
CA LEU A 192 2.65 -6.59 -12.54
C LEU A 192 4.13 -6.29 -12.75
N ASN A 193 4.52 -5.68 -13.87
CA ASN A 193 5.93 -5.25 -14.09
C ASN A 193 6.40 -4.43 -12.88
N PHE A 194 5.58 -3.47 -12.44
CA PHE A 194 5.92 -2.61 -11.28
C PHE A 194 6.08 -3.46 -10.01
N LEU A 195 5.12 -4.36 -9.76
CA LEU A 195 5.16 -5.21 -8.52
C LEU A 195 6.48 -6.02 -8.51
N PHE A 196 6.86 -6.58 -9.66
CA PHE A 196 8.12 -7.36 -9.79
C PHE A 196 9.35 -6.48 -9.58
N LYS A 197 9.31 -5.21 -9.93
CA LYS A 197 10.45 -4.27 -9.65
C LYS A 197 10.56 -4.00 -8.16
N VAL A 198 9.44 -3.84 -7.45
CA VAL A 198 9.51 -3.66 -5.98
C VAL A 198 10.11 -4.96 -5.37
N ARG A 199 9.64 -6.11 -5.79
CA ARG A 199 10.12 -7.41 -5.18
C ARG A 199 11.64 -7.56 -5.39
N GLU A 200 12.09 -7.24 -6.61
CA GLU A 200 13.52 -7.39 -7.01
C GLU A 200 14.41 -6.52 -6.16
N SER A 201 13.93 -5.37 -5.66
CA SER A 201 14.68 -4.42 -4.83
C SER A 201 15.04 -4.93 -3.43
N GLY A 202 14.40 -5.99 -2.92
CA GLY A 202 14.56 -6.39 -1.50
C GLY A 202 13.54 -5.73 -0.57
N SER A 203 12.75 -4.78 -1.04
CA SER A 203 11.86 -3.95 -0.17
C SER A 203 10.80 -4.80 0.55
N LEU A 204 10.43 -5.97 0.02
CA LEU A 204 9.30 -6.80 0.55
C LEU A 204 9.86 -7.99 1.36
N SER A 205 11.16 -8.06 1.52
CA SER A 205 11.84 -9.25 2.08
C SER A 205 11.97 -9.15 3.61
N PRO A 206 12.01 -10.32 4.30
CA PRO A 206 11.97 -10.35 5.76
C PRO A 206 13.21 -9.80 6.46
N GLU A 207 14.28 -9.50 5.72
CA GLU A 207 15.45 -8.88 6.39
C GLU A 207 15.17 -7.38 6.66
N HIS A 208 14.09 -6.80 6.14
CA HIS A 208 13.76 -5.37 6.36
C HIS A 208 12.46 -5.28 7.17
N GLY A 209 12.17 -4.11 7.74
CA GLY A 209 10.82 -3.77 8.22
C GLY A 209 9.80 -3.82 7.07
N PRO A 210 8.49 -3.79 7.39
CA PRO A 210 7.46 -3.88 6.36
C PRO A 210 7.57 -2.67 5.39
N VAL A 211 7.35 -2.95 4.12
CA VAL A 211 7.14 -1.93 3.06
C VAL A 211 5.99 -0.98 3.50
N VAL A 212 6.15 0.32 3.24
CA VAL A 212 5.05 1.31 3.43
C VAL A 212 4.34 1.51 2.11
N VAL A 213 3.02 1.23 2.04
CA VAL A 213 2.25 1.41 0.79
C VAL A 213 1.12 2.43 0.96
N HIS A 214 1.01 3.41 0.04
CA HIS A 214 -0.07 4.42 0.10
C HIS A 214 -0.64 4.78 -1.27
N CYS A 215 -1.87 5.28 -1.22
CA CYS A 215 -2.49 6.01 -2.35
C CYS A 215 -3.02 7.31 -1.76
N SER A 216 -4.25 7.74 -2.04
CA SER A 216 -4.81 8.87 -1.27
C SER A 216 -5.36 8.41 0.09
N ALA A 217 -6.30 7.45 0.10
CA ALA A 217 -6.90 6.96 1.39
C ALA A 217 -6.13 5.75 1.96
N GLY A 218 -5.29 5.08 1.17
CA GLY A 218 -4.58 3.86 1.59
C GLY A 218 -5.48 2.63 1.71
N ILE A 219 -6.52 2.50 0.89
CA ILE A 219 -7.39 1.27 0.93
C ILE A 219 -7.67 0.70 -0.46
N GLY A 220 -7.78 1.53 -1.50
CA GLY A 220 -8.21 1.08 -2.83
C GLY A 220 -7.08 0.53 -3.68
N ARG A 221 -6.32 1.38 -4.38
CA ARG A 221 -5.11 0.96 -5.12
C ARG A 221 -4.16 0.20 -4.18
N SER A 222 -3.96 0.70 -2.97
CA SER A 222 -3.05 0.08 -1.96
C SER A 222 -3.50 -1.35 -1.69
N GLY A 223 -4.82 -1.55 -1.53
CA GLY A 223 -5.43 -2.88 -1.33
C GLY A 223 -5.12 -3.80 -2.48
N THR A 224 -5.16 -3.28 -3.70
CA THR A 224 -4.95 -4.09 -4.92
C THR A 224 -3.52 -4.61 -4.96
N PHE A 225 -2.56 -3.75 -4.63
CA PHE A 225 -1.11 -4.08 -4.63
C PHE A 225 -0.87 -5.25 -3.63
N CYS A 226 -1.29 -5.12 -2.37
CA CYS A 226 -0.92 -6.17 -1.36
C CYS A 226 -1.71 -7.47 -1.64
N LEU A 227 -2.94 -7.39 -2.08
CA LEU A 227 -3.80 -8.57 -2.41
C LEU A 227 -3.13 -9.36 -3.55
N ALA A 228 -2.71 -8.66 -4.59
CA ALA A 228 -2.07 -9.36 -5.73
C ALA A 228 -0.76 -10.01 -5.28
N ASP A 229 0.13 -9.29 -4.60
CA ASP A 229 1.42 -9.82 -4.10
C ASP A 229 1.19 -11.09 -3.24
N THR A 230 0.32 -11.02 -2.23
CA THR A 230 0.05 -12.15 -1.29
C THR A 230 -0.49 -13.35 -2.09
N CYS A 231 -1.46 -13.16 -2.96
CA CYS A 231 -2.09 -14.31 -3.69
C CYS A 231 -1.03 -15.03 -4.56
N LEU A 232 -0.19 -14.26 -5.27
CA LEU A 232 0.89 -14.89 -6.10
C LEU A 232 1.89 -15.63 -5.23
N LEU A 233 2.25 -15.10 -4.05
CA LEU A 233 3.21 -15.78 -3.14
C LEU A 233 2.58 -17.11 -2.66
N LEU A 234 1.30 -17.10 -2.27
CA LEU A 234 0.62 -18.36 -1.82
C LEU A 234 0.58 -19.40 -2.95
N MET A 235 0.40 -18.98 -4.20
CA MET A 235 0.36 -19.90 -5.37
C MET A 235 1.74 -20.55 -5.56
N ASP A 236 2.82 -19.86 -5.24
CA ASP A 236 4.25 -20.36 -5.27
C ASP A 236 4.50 -21.38 -4.16
N LYS A 237 3.94 -21.15 -2.98
CA LYS A 237 4.26 -21.88 -1.75
C LYS A 237 3.47 -23.19 -1.68
N ARG A 238 2.22 -23.23 -2.11
CA ARG A 238 1.28 -24.37 -1.80
C ARG A 238 1.47 -25.54 -2.79
N LYS A 239 1.18 -26.78 -2.32
CA LYS A 239 1.17 -27.95 -3.24
C LYS A 239 0.08 -27.78 -4.30
N ASP A 240 -1.05 -27.18 -3.95
CA ASP A 240 -2.18 -27.01 -4.90
C ASP A 240 -2.47 -25.54 -5.12
N PRO A 241 -1.83 -24.88 -6.11
CA PRO A 241 -2.06 -23.45 -6.38
C PRO A 241 -3.50 -23.04 -6.68
N SER A 242 -4.32 -23.95 -7.22
CA SER A 242 -5.76 -23.75 -7.51
C SER A 242 -6.58 -23.62 -6.22
N SER A 243 -6.05 -23.98 -5.05
CA SER A 243 -6.67 -23.77 -3.72
C SER A 243 -6.62 -22.29 -3.28
N VAL A 244 -5.92 -21.39 -4.00
CA VAL A 244 -5.82 -19.96 -3.53
C VAL A 244 -7.16 -19.27 -3.82
N ASP A 245 -7.84 -18.81 -2.78
CA ASP A 245 -9.18 -18.17 -2.88
C ASP A 245 -9.04 -16.66 -2.63
N ILE A 246 -9.08 -15.87 -3.69
CA ILE A 246 -8.76 -14.41 -3.62
C ILE A 246 -9.75 -13.71 -2.65
N LYS A 247 -11.02 -14.10 -2.65
CA LYS A 247 -12.06 -13.50 -1.77
C LYS A 247 -11.72 -13.79 -0.32
N LYS A 248 -11.25 -15.00 -0.01
CA LYS A 248 -10.85 -15.34 1.37
C LYS A 248 -9.56 -14.62 1.79
N VAL A 249 -8.61 -14.43 0.89
CA VAL A 249 -7.39 -13.64 1.22
C VAL A 249 -7.79 -12.19 1.52
N LEU A 250 -8.68 -11.60 0.71
CA LEU A 250 -9.16 -10.19 0.91
C LEU A 250 -9.84 -10.06 2.28
N LEU A 251 -10.71 -10.99 2.64
CA LEU A 251 -11.38 -10.89 3.98
C LEU A 251 -10.35 -11.00 5.11
N GLU A 252 -9.33 -11.86 4.96
CA GLU A 252 -8.26 -11.95 5.97
C GLU A 252 -7.58 -10.57 6.08
N MET A 253 -7.22 -9.98 4.95
CA MET A 253 -6.54 -8.63 4.98
C MET A 253 -7.45 -7.56 5.61
N ARG A 254 -8.75 -7.62 5.39
CA ARG A 254 -9.72 -6.66 5.98
C ARG A 254 -9.87 -6.87 7.49
N LYS A 255 -9.30 -7.92 8.07
CA LYS A 255 -9.24 -7.97 9.55
C LYS A 255 -8.29 -6.89 10.06
N PHE A 256 -7.35 -6.36 9.22
CA PHE A 256 -6.28 -5.45 9.70
C PHE A 256 -6.49 -3.99 9.27
N ARG A 257 -7.20 -3.74 8.18
CA ARG A 257 -7.58 -2.37 7.74
C ARG A 257 -8.88 -2.42 6.99
N MET A 258 -9.79 -1.49 7.34
CA MET A 258 -11.13 -1.42 6.74
C MET A 258 -11.06 -1.07 5.25
N GLY A 259 -12.04 -1.54 4.49
CA GLY A 259 -12.35 -0.94 3.16
C GLY A 259 -11.42 -1.32 2.01
N LEU A 260 -10.49 -2.27 2.21
CA LEU A 260 -9.49 -2.65 1.18
C LEU A 260 -10.21 -3.14 -0.08
N ILE A 261 -9.90 -2.54 -1.23
CA ILE A 261 -10.58 -2.71 -2.53
C ILE A 261 -11.89 -1.89 -2.44
N GLN A 262 -11.94 -0.78 -3.15
CA GLN A 262 -13.01 0.27 -2.94
C GLN A 262 -14.17 0.08 -3.92
N THR A 263 -14.00 -0.67 -5.02
CA THR A 263 -15.04 -0.78 -6.08
C THR A 263 -15.05 -2.20 -6.65
N ALA A 264 -16.17 -2.58 -7.29
CA ALA A 264 -16.27 -3.86 -8.01
C ALA A 264 -15.27 -3.91 -9.17
N ASP A 265 -14.96 -2.81 -9.83
CA ASP A 265 -13.92 -2.80 -10.90
C ASP A 265 -12.51 -3.11 -10.33
N GLN A 266 -12.16 -2.54 -9.17
CA GLN A 266 -10.87 -2.87 -8.49
C GLN A 266 -10.84 -4.37 -8.13
N LEU A 267 -11.97 -4.95 -7.70
CA LEU A 267 -12.01 -6.42 -7.42
C LEU A 267 -11.73 -7.19 -8.72
N ARG A 268 -12.42 -6.87 -9.81
CA ARG A 268 -12.20 -7.55 -11.11
C ARG A 268 -10.75 -7.40 -11.57
N PHE A 269 -10.16 -6.20 -11.48
CA PHE A 269 -8.75 -5.96 -11.82
C PHE A 269 -7.78 -6.82 -10.97
N SER A 270 -8.05 -6.98 -9.67
CA SER A 270 -7.20 -7.81 -8.77
C SER A 270 -7.21 -9.26 -9.29
N TYR A 271 -8.39 -9.80 -9.64
CA TYR A 271 -8.50 -11.15 -10.26
C TYR A 271 -7.65 -11.22 -11.54
N LEU A 272 -7.80 -10.23 -12.42
CA LEU A 272 -7.05 -10.24 -13.72
C LEU A 272 -5.55 -10.26 -13.45
N ALA A 273 -5.07 -9.44 -12.49
CA ALA A 273 -3.62 -9.32 -12.20
C ALA A 273 -3.09 -10.68 -11.68
N VAL A 274 -3.81 -11.33 -10.79
CA VAL A 274 -3.36 -12.62 -10.22
C VAL A 274 -3.36 -13.69 -11.31
N ILE A 275 -4.40 -13.73 -12.14
CA ILE A 275 -4.50 -14.76 -13.24
C ILE A 275 -3.35 -14.58 -14.24
N GLU A 276 -3.11 -13.35 -14.70
CA GLU A 276 -2.00 -13.08 -15.65
C GLU A 276 -0.64 -13.28 -14.96
N GLY A 277 -0.50 -12.91 -13.68
CA GLY A 277 0.81 -13.05 -12.99
C GLY A 277 1.16 -14.51 -12.76
N ALA A 278 0.17 -15.38 -12.54
CA ALA A 278 0.38 -16.82 -12.28
C ALA A 278 1.08 -17.48 -13.49
N LYS A 279 0.86 -16.96 -14.69
CA LYS A 279 1.50 -17.50 -15.93
C LYS A 279 3.03 -17.27 -15.90
N PHE A 280 3.60 -16.49 -14.97
CA PHE A 280 5.05 -16.49 -14.61
C PHE A 280 5.35 -17.45 -13.45
N ILE A 281 4.68 -17.28 -12.30
CA ILE A 281 4.86 -18.11 -11.05
C ILE A 281 4.89 -19.61 -11.41
N MET A 282 4.08 -20.08 -12.37
CA MET A 282 3.97 -21.52 -12.69
C MET A 282 4.93 -21.91 -13.83
N GLY A 283 6.02 -21.16 -14.02
CA GLY A 283 7.28 -21.64 -14.63
C GLY A 283 7.61 -21.03 -15.99
N ASP A 284 6.95 -19.94 -16.36
CA ASP A 284 7.16 -19.38 -17.72
C ASP A 284 8.21 -18.26 -17.65
C TRS B . -2.58 -8.07 17.36
C1 TRS B . -3.72 -7.67 16.40
C2 TRS B . -2.27 -9.57 17.35
C3 TRS B . -2.98 -7.65 18.76
N TRS B . -1.32 -7.27 17.05
O1 TRS B . -3.23 -7.18 15.14
O2 TRS B . -2.54 -10.17 16.08
O3 TRS B . -3.36 -6.25 18.81
H11 TRS B . -4.26 -6.98 16.82
H12 TRS B . -4.29 -8.45 16.24
H21 TRS B . -2.79 -10.02 18.04
H22 TRS B . -1.32 -9.69 17.56
H31 TRS B . -2.23 -7.81 19.36
H32 TRS B . -3.73 -8.20 19.05
HN1 TRS B . -0.94 -6.96 17.81
HN2 TRS B . -1.52 -6.56 16.52
HN3 TRS B . -0.71 -7.78 16.62
HO1 TRS B . -3.71 -6.97 14.45
HO2 TRS B . -2.47 -10.74 15.67
HO3 TRS B . -2.79 -5.78 18.40
C10 A1ABE C . 25.32 5.28 -5.38
C13 A1ABE C . 24.64 3.55 -6.72
C02 A1ABE C . 23.54 7.24 -1.00
C04 A1ABE C . 24.65 7.23 -2.17
C05 A1ABE C . 25.76 8.10 -2.18
C06 A1ABE C . 26.73 8.05 -3.23
C07 A1ABE C . 26.59 7.14 -4.29
C08 A1ABE C . 25.46 6.27 -4.32
C09 A1ABE C . 24.56 6.33 -3.24
C12 A1ABE C . 25.85 4.06 -7.20
C14 A1ABE C . 24.31 4.34 -5.56
O01 A1ABE C . 22.63 6.39 -1.10
O03 A1ABE C . 23.64 8.07 -0.07
O11 A1ABE C . 26.26 5.09 -6.38
H131 A1ABE C . 24.07 2.77 -7.14
H051 A1ABE C . 25.91 8.84 -1.38
H061 A1ABE C . 27.58 8.73 -3.24
H071 A1ABE C . 27.33 7.12 -5.09
H091 A1ABE C . 23.70 5.64 -3.26
H121 A1ABE C . 26.39 3.74 -8.03
H141 A1ABE C . 23.43 4.19 -4.99
#